data_6DYS
#
_entry.id   6DYS
#
_cell.length_a   44.481
_cell.length_b   56.494
_cell.length_c   49.934
_cell.angle_alpha   90.000
_cell.angle_beta   113.500
_cell.angle_gamma   90.000
#
_symmetry.space_group_name_H-M   'P 1 21 1'
#
loop_
_entity.id
_entity.type
_entity.pdbx_description
1 polymer Ebony
2 non-polymer 'CALCIUM ION'
3 non-polymer N-[2-(3,4-dihydroxyphenyl)ethyl]-beta-alaninamide
4 water water
#
_entity_poly.entity_id   1
_entity_poly.type   'polypeptide(L)'
_entity_poly.pdbx_seq_one_letter_code
;MLKMEAVPLRLEHRQEVIDIIVASFYNKADLEQWLKPGVLRTDYSDILNDIWNVLVERDLSFVVYDTNTDRIIGTALNFD
ARNEPEVDIKSKLLIVFEFLEFCEGPIRDNYLPKGLNQILHSFMMGTAEKLNPRENIACMHFMEHEVLRVAREKQFAGIF
TTNTSPLTQQLADVYHYKTLLNFQVNEYVHSDGSRPFGDAPDEQRAIVHWKEVGKGSHHHHHH
;
_entity_poly.pdbx_strand_id   A
#
loop_
_chem_comp.id
_chem_comp.type
_chem_comp.name
_chem_comp.formula
CA non-polymer 'CALCIUM ION' 'Ca 2'
HJ1 non-polymer N-[2-(3,4-dihydroxyphenyl)ethyl]-beta-alaninamide 'C11 H16 N2 O3'
#
# COMPACT_ATOMS: atom_id res chain seq x y z
N MET A 1 2.39 -10.84 -24.67
CA MET A 1 2.86 -9.81 -23.75
C MET A 1 1.69 -9.07 -23.11
N LEU A 2 1.80 -8.81 -21.80
CA LEU A 2 0.71 -8.19 -21.07
C LEU A 2 0.58 -6.72 -21.45
N LYS A 3 -0.57 -6.34 -21.99
CA LYS A 3 -0.86 -4.96 -22.34
C LYS A 3 -1.78 -4.37 -21.29
N MET A 4 -1.41 -3.21 -20.75
CA MET A 4 -2.06 -2.67 -19.57
C MET A 4 -2.45 -1.21 -19.80
N GLU A 5 -3.42 -0.76 -19.00
CA GLU A 5 -3.85 0.63 -19.02
C GLU A 5 -4.30 1.05 -17.63
N ALA A 6 -3.83 2.21 -17.18
CA ALA A 6 -4.21 2.75 -15.89
C ALA A 6 -5.42 3.64 -16.05
N VAL A 7 -6.44 3.39 -15.24
CA VAL A 7 -7.71 4.11 -15.32
C VAL A 7 -8.00 4.66 -13.93
N PRO A 8 -8.34 5.94 -13.81
CA PRO A 8 -8.66 6.49 -12.48
C PRO A 8 -9.77 5.69 -11.81
N LEU A 9 -9.69 5.65 -10.48
CA LEU A 9 -10.69 4.95 -9.68
C LEU A 9 -12.07 5.57 -9.88
N ARG A 10 -13.06 4.74 -10.17
CA ARG A 10 -14.45 5.15 -10.23
C ARG A 10 -15.24 4.46 -9.12
N LEU A 11 -16.38 5.05 -8.76
CA LEU A 11 -17.19 4.52 -7.67
C LEU A 11 -17.54 3.05 -7.89
N GLU A 12 -17.80 2.66 -9.15
CA GLU A 12 -18.23 1.30 -9.46
C GLU A 12 -17.13 0.26 -9.31
N HIS A 13 -15.88 0.68 -9.13
CA HIS A 13 -14.76 -0.25 -9.01
C HIS A 13 -14.67 -0.88 -7.63
N ARG A 14 -15.59 -0.54 -6.72
CA ARG A 14 -15.44 -0.88 -5.30
C ARG A 14 -15.21 -2.37 -5.09
N GLN A 15 -16.07 -3.22 -5.67
CA GLN A 15 -15.96 -4.65 -5.40
C GLN A 15 -14.72 -5.23 -6.09
N GLU A 16 -14.41 -4.78 -7.30
CA GLU A 16 -13.20 -5.25 -7.97
C GLU A 16 -11.96 -4.88 -7.18
N VAL A 17 -11.90 -3.65 -6.67
CA VAL A 17 -10.76 -3.23 -5.86
C VAL A 17 -10.71 -4.02 -4.56
N ILE A 18 -11.86 -4.26 -3.94
CA ILE A 18 -11.88 -5.04 -2.71
C ILE A 18 -11.38 -6.46 -2.99
N ASP A 19 -11.89 -7.07 -4.07
CA ASP A 19 -11.45 -8.42 -4.43
C ASP A 19 -9.94 -8.49 -4.57
N ILE A 20 -9.36 -7.48 -5.24
CA ILE A 20 -7.92 -7.51 -5.51
C ILE A 20 -7.13 -7.28 -4.22
N ILE A 21 -7.56 -6.34 -3.38
CA ILE A 21 -6.86 -6.08 -2.13
C ILE A 21 -6.96 -7.29 -1.21
N VAL A 22 -8.16 -7.84 -1.05
CA VAL A 22 -8.34 -8.99 -0.17
C VAL A 22 -7.47 -10.15 -0.63
N ALA A 23 -7.48 -10.43 -1.95
CA ALA A 23 -6.68 -11.53 -2.47
C ALA A 23 -5.20 -11.25 -2.35
N SER A 24 -4.80 -9.97 -2.33
CA SER A 24 -3.38 -9.64 -2.22
C SER A 24 -2.88 -9.66 -0.78
N PHE A 25 -3.77 -9.40 0.19
CA PHE A 25 -3.34 -9.25 1.57
C PHE A 25 -3.74 -10.41 2.48
N TYR A 26 -4.97 -10.91 2.34
CA TYR A 26 -5.43 -11.97 3.23
C TYR A 26 -4.58 -13.21 3.07
N ASN A 27 -4.07 -13.72 4.21
CA ASN A 27 -3.23 -14.92 4.27
C ASN A 27 -1.92 -14.77 3.50
N LYS A 28 -1.54 -13.56 3.12
CA LYS A 28 -0.34 -13.37 2.33
C LYS A 28 0.52 -12.23 2.87
N ALA A 29 -0.12 -11.27 3.55
CA ALA A 29 0.60 -10.12 4.08
C ALA A 29 1.59 -10.57 5.15
N ASP A 30 2.81 -10.03 5.07
CA ASP A 30 3.90 -10.50 5.92
C ASP A 30 3.70 -10.08 7.38
N LEU A 31 2.99 -8.99 7.63
CA LEU A 31 2.80 -8.53 9.00
C LEU A 31 1.64 -9.25 9.69
N GLU A 32 0.48 -9.28 9.03
CA GLU A 32 -0.71 -9.91 9.61
C GLU A 32 -0.52 -11.39 9.89
N GLN A 33 0.37 -12.07 9.18
CA GLN A 33 0.53 -13.50 9.39
C GLN A 33 0.89 -13.81 10.83
N TRP A 34 1.55 -12.87 11.51
CA TRP A 34 1.95 -13.07 12.90
C TRP A 34 0.86 -12.70 13.89
N LEU A 35 -0.23 -12.08 13.43
CA LEU A 35 -1.38 -11.74 14.26
C LEU A 35 -2.46 -12.81 14.25
N LYS A 36 -2.27 -13.87 13.47
CA LYS A 36 -3.19 -15.00 13.49
C LYS A 36 -3.28 -15.56 14.92
N PRO A 37 -4.47 -16.01 15.35
CA PRO A 37 -5.69 -16.06 14.54
C PRO A 37 -6.51 -14.77 14.62
N GLY A 38 -7.65 -14.77 13.94
CA GLY A 38 -8.61 -13.69 14.09
C GLY A 38 -8.50 -12.54 13.13
N VAL A 39 -7.71 -12.68 12.06
CA VAL A 39 -7.65 -11.68 11.00
C VAL A 39 -8.45 -12.22 9.81
N LEU A 40 -9.52 -11.51 9.46
CA LEU A 40 -10.51 -11.97 8.51
C LEU A 40 -10.46 -11.17 7.22
N ARG A 41 -10.97 -11.78 6.15
CA ARG A 41 -11.06 -11.12 4.85
C ARG A 41 -11.83 -9.82 4.94
N THR A 42 -12.91 -9.80 5.72
CA THR A 42 -13.74 -8.60 5.83
C THR A 42 -13.02 -7.45 6.52
N ASP A 43 -11.97 -7.73 7.30
CA ASP A 43 -11.21 -6.65 7.91
C ASP A 43 -10.63 -5.71 6.85
N TYR A 44 -10.25 -6.26 5.70
CA TYR A 44 -9.75 -5.43 4.61
C TYR A 44 -10.90 -4.70 3.89
N SER A 45 -11.98 -5.43 3.56
CA SER A 45 -13.11 -4.79 2.91
C SER A 45 -13.76 -3.75 3.81
N ASP A 46 -13.79 -4.01 5.13
CA ASP A 46 -14.36 -3.03 6.05
C ASP A 46 -13.63 -1.70 5.96
N ILE A 47 -12.30 -1.74 5.89
CA ILE A 47 -11.53 -0.50 5.75
C ILE A 47 -11.82 0.17 4.41
N LEU A 48 -11.77 -0.61 3.32
CA LEU A 48 -11.98 -0.04 2.00
C LEU A 48 -13.37 0.57 1.87
N ASN A 49 -14.39 -0.14 2.36
CA ASN A 49 -15.75 0.39 2.32
C ASN A 49 -15.86 1.71 3.07
N ASP A 50 -15.21 1.82 4.22
CA ASP A 50 -15.31 3.04 5.01
C ASP A 50 -14.69 4.24 4.30
N ILE A 51 -13.66 4.03 3.50
CA ILE A 51 -12.95 5.12 2.84
C ILE A 51 -13.29 5.22 1.36
N TRP A 52 -14.13 4.31 0.83
CA TRP A 52 -14.25 4.20 -0.61
C TRP A 52 -14.64 5.52 -1.27
N ASN A 53 -15.59 6.24 -0.68
CA ASN A 53 -16.06 7.46 -1.33
C ASN A 53 -14.97 8.51 -1.37
N VAL A 54 -14.35 8.80 -0.22
CA VAL A 54 -13.23 9.74 -0.18
C VAL A 54 -12.11 9.27 -1.11
N LEU A 55 -11.84 7.96 -1.14
CA LEU A 55 -10.78 7.44 -1.99
C LEU A 55 -11.01 7.77 -3.46
N VAL A 56 -12.25 7.62 -3.93
CA VAL A 56 -12.55 7.99 -5.31
C VAL A 56 -12.54 9.51 -5.46
N GLU A 57 -13.12 10.22 -4.49
CA GLU A 57 -13.22 11.68 -4.57
C GLU A 57 -11.85 12.33 -4.69
N ARG A 58 -10.86 11.84 -3.93
CA ARG A 58 -9.54 12.48 -3.94
C ARG A 58 -8.84 12.34 -5.29
N ASP A 59 -9.21 11.34 -6.10
CA ASP A 59 -8.74 11.22 -7.49
C ASP A 59 -7.23 11.02 -7.57
N LEU A 60 -6.67 10.24 -6.64
CA LEU A 60 -5.24 9.95 -6.66
C LEU A 60 -4.95 8.47 -6.92
N SER A 61 -5.97 7.62 -6.90
CA SER A 61 -5.83 6.19 -7.06
C SER A 61 -6.28 5.78 -8.45
N PHE A 62 -5.94 4.55 -8.82
CA PHE A 62 -6.30 4.05 -10.13
C PHE A 62 -6.35 2.53 -10.10
N VAL A 63 -7.01 1.96 -11.11
CA VAL A 63 -6.97 0.53 -11.35
C VAL A 63 -6.20 0.30 -12.64
N VAL A 64 -5.71 -0.92 -12.80
CA VAL A 64 -4.96 -1.31 -13.99
C VAL A 64 -5.77 -2.36 -14.74
N TYR A 65 -6.06 -2.07 -16.00
CA TYR A 65 -6.79 -2.99 -16.86
C TYR A 65 -5.81 -3.78 -17.71
N ASP A 66 -6.07 -5.07 -17.85
CA ASP A 66 -5.51 -5.85 -18.95
C ASP A 66 -6.35 -5.51 -20.18
N THR A 67 -5.78 -4.74 -21.10
CA THR A 67 -6.55 -4.26 -22.24
C THR A 67 -6.90 -5.35 -23.22
N ASN A 68 -6.32 -6.55 -23.08
CA ASN A 68 -6.71 -7.67 -23.92
C ASN A 68 -7.96 -8.36 -23.39
N THR A 69 -8.14 -8.39 -22.07
CA THR A 69 -9.32 -8.96 -21.45
C THR A 69 -10.28 -7.90 -20.91
N ASP A 70 -9.87 -6.63 -20.90
CA ASP A 70 -10.69 -5.54 -20.36
C ASP A 70 -11.12 -5.82 -18.92
N ARG A 71 -10.27 -6.48 -18.15
CA ARG A 71 -10.52 -6.75 -16.75
C ARG A 71 -9.41 -6.14 -15.90
N ILE A 72 -9.74 -5.86 -14.65
CA ILE A 72 -8.81 -5.21 -13.73
C ILE A 72 -7.89 -6.27 -13.14
N ILE A 73 -6.58 -6.03 -13.26
CA ILE A 73 -5.58 -6.96 -12.75
C ILE A 73 -4.76 -6.36 -11.62
N GLY A 74 -4.92 -5.08 -11.34
CA GLY A 74 -4.14 -4.44 -10.28
C GLY A 74 -4.74 -3.11 -9.89
N THR A 75 -4.31 -2.62 -8.72
CA THR A 75 -4.81 -1.34 -8.25
C THR A 75 -3.75 -0.70 -7.35
N ALA A 76 -3.68 0.63 -7.42
CA ALA A 76 -2.80 1.42 -6.57
C ALA A 76 -3.65 2.44 -5.83
N LEU A 77 -3.68 2.36 -4.50
CA LEU A 77 -4.49 3.24 -3.69
C LEU A 77 -3.59 4.29 -3.05
N ASN A 78 -3.89 5.56 -3.31
CA ASN A 78 -3.06 6.67 -2.87
C ASN A 78 -3.90 7.73 -2.20
N PHE A 79 -3.28 8.40 -1.22
CA PHE A 79 -3.82 9.61 -0.60
C PHE A 79 -2.70 10.62 -0.49
N ASP A 80 -3.08 11.89 -0.41
CA ASP A 80 -2.20 12.89 0.18
C ASP A 80 -1.94 12.47 1.61
N ALA A 81 -0.65 12.26 1.95
CA ALA A 81 -0.32 11.75 3.27
C ALA A 81 -0.82 12.66 4.39
N ARG A 82 -0.92 13.96 4.13
CA ARG A 82 -1.39 14.91 5.12
C ARG A 82 -2.88 15.20 5.00
N ASN A 83 -3.61 14.40 4.22
CA ASN A 83 -5.04 14.65 3.97
C ASN A 83 -5.74 13.31 3.75
N GLU A 84 -5.60 12.41 4.72
CA GLU A 84 -6.10 11.04 4.75
C GLU A 84 -7.32 10.93 5.66
N PRO A 85 -8.30 10.13 5.30
CA PRO A 85 -9.48 9.95 6.16
C PRO A 85 -9.11 9.21 7.45
N GLU A 86 -9.91 9.47 8.48
CA GLU A 86 -9.72 8.83 9.78
C GLU A 86 -10.62 7.61 9.86
N VAL A 87 -10.01 6.43 10.00
CA VAL A 87 -10.74 5.17 10.06
C VAL A 87 -10.59 4.59 11.46
N ASP A 88 -11.73 4.29 12.09
CA ASP A 88 -11.73 3.55 13.34
C ASP A 88 -11.69 2.07 12.99
N ILE A 89 -10.52 1.47 13.12
CA ILE A 89 -10.30 0.08 12.74
C ILE A 89 -10.57 -0.81 13.95
N LYS A 90 -11.46 -1.79 13.77
CA LYS A 90 -11.87 -2.65 14.87
C LYS A 90 -11.02 -3.90 14.98
N SER A 91 -10.50 -4.41 13.86
CA SER A 91 -9.83 -5.70 13.86
C SER A 91 -8.42 -5.59 14.42
N LYS A 92 -7.71 -6.72 14.37
CA LYS A 92 -6.29 -6.72 14.69
C LYS A 92 -5.46 -5.94 13.67
N LEU A 93 -6.05 -5.54 12.54
CA LEU A 93 -5.36 -4.69 11.59
C LEU A 93 -4.99 -3.32 12.18
N LEU A 94 -5.68 -2.89 13.24
CA LEU A 94 -5.29 -1.67 13.94
C LEU A 94 -3.83 -1.73 14.39
N ILE A 95 -3.37 -2.92 14.78
CA ILE A 95 -1.97 -3.08 15.16
C ILE A 95 -1.06 -2.85 13.95
N VAL A 96 -1.44 -3.37 12.79
CA VAL A 96 -0.68 -3.13 11.57
C VAL A 96 -0.60 -1.64 11.26
N PHE A 97 -1.74 -0.95 11.34
CA PHE A 97 -1.73 0.46 10.99
C PHE A 97 -1.03 1.31 12.04
N GLU A 98 -1.13 0.94 13.32
CA GLU A 98 -0.39 1.67 14.34
C GLU A 98 1.11 1.45 14.18
N PHE A 99 1.50 0.24 13.78
CA PHE A 99 2.90 -0.02 13.47
C PHE A 99 3.37 0.79 12.28
N LEU A 100 2.56 0.84 11.22
CA LEU A 100 2.94 1.63 10.05
C LEU A 100 3.08 3.10 10.40
N GLU A 101 2.20 3.60 11.28
CA GLU A 101 2.33 5.00 11.73
C GLU A 101 3.59 5.17 12.58
N PHE A 102 3.90 4.17 13.41
CA PHE A 102 5.17 4.14 14.14
C PHE A 102 6.36 4.28 13.18
N CYS A 103 6.29 3.60 12.04
CA CYS A 103 7.36 3.71 11.05
C CYS A 103 7.31 5.05 10.32
N GLU A 104 6.11 5.51 9.95
CA GLU A 104 6.00 6.65 9.06
C GLU A 104 5.92 7.98 9.79
N GLY A 105 5.18 8.02 10.89
CA GLY A 105 4.83 9.25 11.57
C GLY A 105 6.02 10.15 11.85
N PRO A 106 6.97 9.68 12.66
CA PRO A 106 8.16 10.50 12.96
C PRO A 106 8.85 11.06 11.74
N ILE A 107 9.05 10.25 10.71
CA ILE A 107 9.78 10.69 9.52
C ILE A 107 8.93 11.66 8.71
N ARG A 108 7.65 11.32 8.51
CA ARG A 108 6.76 12.14 7.70
C ARG A 108 6.62 13.54 8.27
N ASP A 109 6.34 13.64 9.57
CA ASP A 109 5.97 14.93 10.16
C ASP A 109 7.19 15.78 10.54
N ASN A 110 8.40 15.22 10.50
CA ASN A 110 9.57 15.96 10.91
C ASN A 110 10.63 16.12 9.83
N TYR A 111 10.61 15.29 8.79
CA TYR A 111 11.62 15.36 7.74
C TYR A 111 11.07 15.56 6.34
N LEU A 112 9.79 15.32 6.11
CA LEU A 112 9.22 15.44 4.78
C LEU A 112 8.53 16.79 4.62
N PRO A 113 8.27 17.24 3.39
CA PRO A 113 7.72 18.58 3.19
C PRO A 113 6.39 18.80 3.90
N LYS A 114 6.24 19.99 4.46
CA LYS A 114 5.02 20.37 5.14
C LYS A 114 3.99 20.86 4.14
N GLY A 115 2.73 20.76 4.52
CA GLY A 115 1.65 21.27 3.69
C GLY A 115 0.99 20.17 2.87
N LEU A 116 -0.20 20.50 2.37
CA LEU A 116 -0.96 19.60 1.52
C LEU A 116 -0.32 19.52 0.13
N ASN A 117 -0.67 18.46 -0.60
CA ASN A 117 -0.24 18.24 -1.97
C ASN A 117 1.28 18.13 -2.09
N GLN A 118 1.93 17.63 -1.05
CA GLN A 118 3.37 17.42 -1.05
C GLN A 118 3.74 15.94 -1.07
N ILE A 119 3.09 15.14 -0.23
CA ILE A 119 3.47 13.77 0.01
C ILE A 119 2.37 12.88 -0.55
N LEU A 120 2.64 12.24 -1.68
CA LEU A 120 1.72 11.24 -2.23
C LEU A 120 1.95 9.93 -1.49
N HIS A 121 1.00 9.54 -0.66
CA HIS A 121 1.11 8.33 0.16
C HIS A 121 0.59 7.15 -0.66
N SER A 122 1.49 6.30 -1.11
CA SER A 122 1.12 5.04 -1.74
C SER A 122 0.90 4.04 -0.62
N PHE A 123 -0.35 3.89 -0.18
CA PHE A 123 -0.59 3.12 1.04
C PHE A 123 -1.07 1.70 0.79
N MET A 124 -1.62 1.40 -0.38
CA MET A 124 -2.03 0.04 -0.68
C MET A 124 -1.84 -0.20 -2.17
N MET A 125 -1.37 -1.40 -2.49
CA MET A 125 -1.18 -1.83 -3.87
C MET A 125 -1.53 -3.31 -3.90
N GLY A 126 -2.17 -3.75 -4.99
CA GLY A 126 -2.57 -5.13 -5.12
C GLY A 126 -2.66 -5.54 -6.57
N THR A 127 -2.52 -6.85 -6.80
CA THR A 127 -2.66 -7.43 -8.12
C THR A 127 -3.60 -8.62 -8.04
N ALA A 128 -4.24 -8.93 -9.15
CA ALA A 128 -5.22 -10.01 -9.19
C ALA A 128 -4.57 -11.35 -8.88
N GLU A 129 -5.35 -12.24 -8.26
CA GLU A 129 -4.85 -13.52 -7.79
C GLU A 129 -4.31 -14.38 -8.94
N LYS A 130 -4.98 -14.35 -10.09
CA LYS A 130 -4.65 -15.24 -11.20
C LYS A 130 -3.40 -14.83 -11.97
N LEU A 131 -2.74 -13.74 -11.61
CA LEU A 131 -1.55 -13.32 -12.34
C LEU A 131 -0.41 -14.29 -12.07
N ASN A 132 0.26 -14.74 -13.13
CA ASN A 132 1.47 -15.54 -12.99
C ASN A 132 2.63 -14.61 -12.62
N PRO A 133 3.82 -15.16 -12.33
CA PRO A 133 4.95 -14.27 -12.00
C PRO A 133 5.22 -13.21 -13.06
N ARG A 134 5.16 -13.58 -14.35
CA ARG A 134 5.44 -12.62 -15.39
CA ARG A 134 5.45 -12.62 -15.39
C ARG A 134 4.36 -11.55 -15.48
N GLU A 135 3.11 -11.90 -15.17
CA GLU A 135 2.07 -10.87 -15.21
C GLU A 135 2.12 -9.99 -13.95
N ASN A 136 2.51 -10.57 -12.82
CA ASN A 136 2.55 -9.82 -11.57
C ASN A 136 3.70 -8.82 -11.55
N ILE A 137 4.92 -9.24 -11.89
CA ILE A 137 6.07 -8.32 -11.89
C ILE A 137 5.84 -7.18 -12.86
N ALA A 138 5.20 -7.46 -14.00
CA ALA A 138 4.94 -6.44 -15.01
C ALA A 138 3.83 -5.49 -14.57
N CYS A 139 2.80 -6.01 -13.92
CA CYS A 139 1.78 -5.13 -13.37
C CYS A 139 2.38 -4.24 -12.30
N MET A 140 3.26 -4.80 -11.46
CA MET A 140 3.92 -4.02 -10.42
C MET A 140 4.78 -2.92 -11.04
N HIS A 141 5.57 -3.25 -12.07
CA HIS A 141 6.35 -2.24 -12.77
C HIS A 141 5.45 -1.15 -13.34
N PHE A 142 4.34 -1.56 -13.95
CA PHE A 142 3.43 -0.62 -14.58
C PHE A 142 2.79 0.32 -13.55
N MET A 143 2.39 -0.22 -12.40
CA MET A 143 1.78 0.64 -11.39
C MET A 143 2.80 1.62 -10.80
N GLU A 144 4.03 1.16 -10.60
CA GLU A 144 5.09 2.04 -10.16
C GLU A 144 5.29 3.18 -11.14
N HIS A 145 5.37 2.85 -12.43
CA HIS A 145 5.49 3.85 -13.47
C HIS A 145 4.33 4.83 -13.43
N GLU A 146 3.12 4.34 -13.17
CA GLU A 146 1.95 5.21 -13.17
C GLU A 146 1.80 6.01 -11.88
N VAL A 147 2.23 5.46 -10.74
CA VAL A 147 2.17 6.23 -9.49
C VAL A 147 3.06 7.47 -9.60
N LEU A 148 4.25 7.30 -10.17
CA LEU A 148 5.13 8.45 -10.45
C LEU A 148 4.44 9.46 -11.35
N ARG A 149 3.74 9.00 -12.39
CA ARG A 149 3.06 9.91 -13.30
C ARG A 149 1.95 10.68 -12.59
N VAL A 150 1.18 9.99 -11.74
CA VAL A 150 0.14 10.67 -10.96
C VAL A 150 0.77 11.70 -10.05
N ALA A 151 1.90 11.35 -9.42
CA ALA A 151 2.57 12.26 -8.51
C ALA A 151 2.99 13.54 -9.24
N ARG A 152 3.61 13.39 -10.42
CA ARG A 152 4.06 14.56 -11.16
C ARG A 152 2.87 15.36 -11.69
N GLU A 153 1.92 14.68 -12.34
CA GLU A 153 0.77 15.37 -12.91
C GLU A 153 -0.02 16.13 -11.86
N LYS A 154 -0.08 15.60 -10.63
CA LYS A 154 -0.80 16.24 -9.54
C LYS A 154 0.08 17.14 -8.69
N GLN A 155 1.35 17.33 -9.08
CA GLN A 155 2.25 18.31 -8.47
C GLN A 155 2.59 17.98 -7.01
N PHE A 156 2.68 16.70 -6.69
CA PHE A 156 3.24 16.31 -5.41
C PHE A 156 4.76 16.39 -5.47
N ALA A 157 5.37 16.51 -4.30
CA ALA A 157 6.81 16.60 -4.21
C ALA A 157 7.50 15.24 -4.24
N GLY A 158 6.81 14.20 -3.80
CA GLY A 158 7.41 12.88 -3.76
C GLY A 158 6.40 11.83 -3.35
N ILE A 159 6.84 10.58 -3.45
CA ILE A 159 6.01 9.41 -3.18
C ILE A 159 6.51 8.75 -1.91
N PHE A 160 5.59 8.52 -0.98
CA PHE A 160 5.88 8.02 0.36
C PHE A 160 5.16 6.68 0.54
N THR A 161 5.90 5.67 1.00
CA THR A 161 5.28 4.37 1.18
C THR A 161 6.11 3.56 2.17
N THR A 162 5.45 2.62 2.85
CA THR A 162 6.12 1.61 3.67
C THR A 162 5.94 0.26 3.00
N ASN A 163 7.05 -0.35 2.60
CA ASN A 163 7.01 -1.64 1.93
C ASN A 163 7.31 -2.72 2.96
N THR A 164 6.42 -3.71 3.03
CA THR A 164 6.46 -4.73 4.06
C THR A 164 6.70 -6.13 3.53
N SER A 165 6.86 -6.30 2.22
CA SER A 165 7.23 -7.59 1.65
C SER A 165 8.58 -7.47 0.94
N PRO A 166 9.33 -8.57 0.83
CA PRO A 166 10.61 -8.51 0.10
C PRO A 166 10.47 -8.00 -1.33
N LEU A 167 9.40 -8.35 -2.04
CA LEU A 167 9.27 -7.97 -3.44
C LEU A 167 9.06 -6.47 -3.58
N THR A 168 8.13 -5.90 -2.81
CA THR A 168 7.89 -4.47 -2.90
C THR A 168 9.08 -3.67 -2.37
N GLN A 169 9.74 -4.17 -1.33
CA GLN A 169 10.95 -3.52 -0.85
C GLN A 169 12.04 -3.52 -1.93
N GLN A 170 12.24 -4.67 -2.58
CA GLN A 170 13.25 -4.74 -3.63
C GLN A 170 12.83 -3.91 -4.84
N LEU A 171 11.55 -3.92 -5.19
CA LEU A 171 11.07 -3.05 -6.27
C LEU A 171 11.35 -1.59 -5.98
N ALA A 172 11.03 -1.13 -4.77
CA ALA A 172 11.29 0.26 -4.41
C ALA A 172 12.77 0.60 -4.55
N ASP A 173 13.65 -0.33 -4.18
CA ASP A 173 15.08 -0.07 -4.26
C ASP A 173 15.54 0.12 -5.71
N VAL A 174 15.15 -0.78 -6.61
CA VAL A 174 15.55 -0.63 -8.00
C VAL A 174 14.84 0.52 -8.70
N TYR A 175 13.75 1.04 -8.11
CA TYR A 175 13.14 2.27 -8.60
C TYR A 175 13.73 3.50 -7.93
N HIS A 176 14.82 3.34 -7.18
CA HIS A 176 15.58 4.43 -6.60
C HIS A 176 14.80 5.21 -5.54
N TYR A 177 13.93 4.51 -4.83
CA TYR A 177 13.40 5.09 -3.60
C TYR A 177 14.50 5.15 -2.56
N LYS A 178 14.52 6.21 -1.79
CA LYS A 178 15.45 6.30 -0.68
C LYS A 178 14.83 5.61 0.54
N THR A 179 15.64 4.83 1.24
CA THR A 179 15.23 4.23 2.49
C THR A 179 15.32 5.26 3.60
N LEU A 180 14.19 5.58 4.23
CA LEU A 180 14.17 6.46 5.38
C LEU A 180 14.08 5.70 6.70
N LEU A 181 13.69 4.42 6.66
CA LEU A 181 13.65 3.59 7.84
C LEU A 181 13.64 2.14 7.39
N ASN A 182 14.45 1.32 8.06
CA ASN A 182 14.50 -0.12 7.84
C ASN A 182 14.30 -0.75 9.21
N PHE A 183 13.03 -0.94 9.59
CA PHE A 183 12.73 -1.42 10.93
C PHE A 183 12.57 -2.94 10.94
N GLN A 184 13.16 -3.56 11.96
CA GLN A 184 12.99 -4.99 12.23
C GLN A 184 11.63 -5.19 12.91
N VAL A 185 10.69 -5.82 12.21
CA VAL A 185 9.31 -5.82 12.67
C VAL A 185 9.14 -6.61 13.97
N ASN A 186 10.02 -7.57 14.26
CA ASN A 186 9.84 -8.32 15.51
C ASN A 186 10.29 -7.52 16.73
N GLU A 187 10.81 -6.31 16.55
CA GLU A 187 11.17 -5.44 17.67
C GLU A 187 10.09 -4.44 18.01
N TYR A 188 9.03 -4.34 17.21
CA TYR A 188 7.97 -3.39 17.50
C TYR A 188 7.20 -3.81 18.73
N VAL A 189 7.00 -2.89 19.65
CA VAL A 189 6.27 -3.14 20.89
C VAL A 189 4.90 -2.50 20.78
N HIS A 190 3.87 -3.28 21.13
CA HIS A 190 2.49 -2.81 21.18
C HIS A 190 2.24 -2.07 22.50
N SER A 191 1.13 -1.35 22.55
CA SER A 191 0.78 -0.57 23.73
C SER A 191 0.62 -1.41 24.98
N ASP A 192 0.42 -2.72 24.84
CA ASP A 192 0.33 -3.62 25.98
C ASP A 192 1.66 -4.28 26.31
N GLY A 193 2.76 -3.79 25.74
CA GLY A 193 4.06 -4.36 26.01
C GLY A 193 4.41 -5.60 25.21
N SER A 194 3.46 -6.15 24.45
CA SER A 194 3.77 -7.33 23.65
C SER A 194 4.46 -6.94 22.35
N ARG A 195 5.10 -7.94 21.73
CA ARG A 195 5.65 -7.78 20.39
C ARG A 195 4.76 -8.55 19.41
N PRO A 196 3.76 -7.90 18.81
CA PRO A 196 2.79 -8.63 17.98
C PRO A 196 3.40 -9.34 16.78
N PHE A 197 4.52 -8.85 16.27
CA PHE A 197 5.26 -9.53 15.22
C PHE A 197 6.54 -10.18 15.74
N GLY A 198 6.59 -10.46 17.05
CA GLY A 198 7.83 -10.93 17.65
C GLY A 198 8.28 -12.29 17.13
N ASP A 199 7.35 -13.11 16.66
CA ASP A 199 7.71 -14.41 16.12
C ASP A 199 8.32 -14.33 14.72
N ALA A 200 8.26 -13.17 14.08
CA ALA A 200 8.85 -13.02 12.76
C ALA A 200 10.36 -13.12 12.84
N PRO A 201 11.01 -13.67 11.80
CA PRO A 201 12.47 -13.69 11.78
C PRO A 201 13.04 -12.28 11.75
N ASP A 202 14.28 -12.17 12.21
CA ASP A 202 14.94 -10.86 12.22
C ASP A 202 15.02 -10.26 10.83
N GLU A 203 15.01 -11.12 9.80
CA GLU A 203 15.18 -10.69 8.42
C GLU A 203 13.94 -10.03 7.84
N GLN A 204 12.78 -10.14 8.48
CA GLN A 204 11.58 -9.48 7.99
C GLN A 204 11.61 -8.02 8.42
N ARG A 205 11.63 -7.13 7.42
CA ARG A 205 11.74 -5.70 7.64
C ARG A 205 10.46 -5.00 7.24
N ALA A 206 10.26 -3.83 7.83
CA ALA A 206 9.36 -2.82 7.34
C ALA A 206 10.22 -1.65 6.91
N ILE A 207 10.10 -1.25 5.65
CA ILE A 207 10.99 -0.23 5.10
C ILE A 207 10.17 0.94 4.63
N VAL A 208 10.42 2.11 5.21
CA VAL A 208 9.79 3.35 4.80
C VAL A 208 10.56 3.89 3.60
N HIS A 209 9.85 4.12 2.49
CA HIS A 209 10.49 4.52 1.24
C HIS A 209 9.96 5.86 0.79
N TRP A 210 10.84 6.62 0.14
CA TRP A 210 10.52 7.98 -0.27
C TRP A 210 11.30 8.29 -1.52
N LYS A 211 10.61 8.81 -2.53
CA LYS A 211 11.26 9.23 -3.77
C LYS A 211 10.71 10.58 -4.17
N GLU A 212 11.59 11.57 -4.29
CA GLU A 212 11.19 12.86 -4.85
C GLU A 212 10.89 12.69 -6.34
N VAL A 213 9.79 13.28 -6.79
CA VAL A 213 9.47 13.27 -8.20
C VAL A 213 9.87 14.60 -8.83
CA CA B . -10.60 -0.30 -20.40
C02 HJ1 C . 3.37 -0.89 -1.28
C03 HJ1 C . 2.61 -0.62 0.00
C04 HJ1 C . 1.38 -1.58 0.17
C07 HJ1 C . 1.86 -1.87 2.65
C08 HJ1 C . 0.96 -1.20 3.75
C09 HJ1 C . 0.07 -2.16 4.42
C10 HJ1 C . -1.25 -1.79 4.73
C11 HJ1 C . -2.11 -2.69 5.38
C12 HJ1 C . -1.66 -3.96 5.71
C14 HJ1 C . -0.34 -4.33 5.39
C16 HJ1 C . 0.52 -3.42 4.74
N01 HJ1 C . 4.07 0.31 -1.78
N06 HJ1 C . 1.04 -2.17 1.47
O05 HJ1 C . 0.72 -1.83 -0.76
O13 HJ1 C . -2.55 -4.88 6.37
O15 HJ1 C . 0.19 -5.72 5.74
#